data_2WZV
#
_entry.id   2WZV
#
_cell.length_a   85.190
_cell.length_b   114.971
_cell.length_c   118.901
_cell.angle_alpha   90.00
_cell.angle_beta   90.00
_cell.angle_gamma   90.00
#
_symmetry.space_group_name_H-M   'I 21 21 21'
#
loop_
_entity.id
_entity.type
_entity.pdbx_description
1 polymer 'NFNB PROTEIN'
2 non-polymer 'FLAVIN MONONUCLEOTIDE'
3 non-polymer 'PHOSPHATE ION'
4 non-polymer GLYCEROL
5 water water
#
_entity_poly.entity_id   1
_entity_poly.type   'polypeptide(L)'
_entity_poly.pdbx_seq_one_letter_code
;G(MSE)SVPTLPTGPTVDLAQAAERLIKGRRAVRAFRPDEVPEET(MSE)RAVFELAGHAPSNSNTQPWHVEVVSGAARD
RLAEALVTAHAEERVTVDFPYREGLFQGVLQERRADFGSRLYAALGIARDQTDLLQGYNTESLRFYGAPHVA(MSE)LFA
PNNTEARIAGD(MSE)GIYAQTL(MSE)LA(MSE)TAHGIASCPQALLSFYADTVRAELGVENRKLL(MSE)GISFGYAD
DTAAVNGVRIPRAGLSETTRFSR
;
_entity_poly.pdbx_strand_id   A,B
#
loop_
_chem_comp.id
_chem_comp.type
_chem_comp.name
_chem_comp.formula
FMN non-polymer 'FLAVIN MONONUCLEOTIDE' 'C17 H21 N4 O9 P'
GOL non-polymer GLYCEROL 'C3 H8 O3'
PO4 non-polymer 'PHOSPHATE ION' 'O4 P -3'
#
# COMPACT_ATOMS: atom_id res chain seq x y z
N ASP A 14 -1.01 4.52 24.67
CA ASP A 14 -2.18 4.85 23.87
C ASP A 14 -2.02 4.43 22.39
N LEU A 15 -3.10 4.55 21.62
CA LEU A 15 -3.12 4.19 20.22
C LEU A 15 -2.10 4.97 19.35
N ALA A 16 -1.91 6.25 19.63
CA ALA A 16 -0.95 7.09 18.90
C ALA A 16 0.48 6.54 19.06
N GLN A 17 0.88 6.18 20.30
CA GLN A 17 2.19 5.60 20.59
C GLN A 17 2.34 4.23 19.94
N ALA A 18 1.28 3.39 20.00
CA ALA A 18 1.31 2.08 19.36
C ALA A 18 1.49 2.20 17.84
N ALA A 19 0.80 3.17 17.17
CA ALA A 19 0.96 3.39 15.73
C ALA A 19 2.42 3.79 15.42
N GLU A 20 3.02 4.67 16.25
CA GLU A 20 4.41 5.09 16.07
CA GLU A 20 4.40 5.09 16.06
C GLU A 20 5.32 3.87 16.19
N ARG A 21 5.11 3.04 17.24
CA ARG A 21 5.92 1.82 17.45
C ARG A 21 5.82 0.84 16.30
N LEU A 22 4.62 0.66 15.71
CA LEU A 22 4.41 -0.27 14.59
C LEU A 22 5.06 0.24 13.34
N ILE A 23 4.73 1.48 12.98
CA ILE A 23 5.14 2.07 11.71
C ILE A 23 6.66 2.34 11.68
N LYS A 24 7.20 2.84 12.78
CA LYS A 24 8.63 3.08 12.84
C LYS A 24 9.42 1.82 13.17
N GLY A 25 8.80 0.89 13.92
CA GLY A 25 9.44 -0.37 14.34
C GLY A 25 9.67 -1.34 13.19
N ARG A 26 8.73 -1.37 12.22
CA ARG A 26 8.85 -2.23 11.05
C ARG A 26 10.07 -1.77 10.22
N ARG A 27 10.98 -2.70 9.93
CA ARG A 27 12.18 -2.44 9.12
CA ARG A 27 12.17 -2.43 9.10
C ARG A 27 12.38 -3.61 8.17
N ALA A 28 13.15 -3.42 7.08
CA ALA A 28 13.42 -4.53 6.18
C ALA A 28 14.54 -5.36 6.84
N VAL A 29 14.17 -6.56 7.30
CA VAL A 29 15.09 -7.46 8.01
C VAL A 29 15.68 -8.45 7.02
N ARG A 30 17.01 -8.58 7.04
CA ARG A 30 17.75 -9.40 6.06
C ARG A 30 18.62 -10.51 6.65
N ALA A 31 18.23 -10.99 7.83
CA ALA A 31 18.85 -12.14 8.50
C ALA A 31 17.87 -12.59 9.55
N PHE A 32 17.49 -13.87 9.47
CA PHE A 32 16.45 -14.45 10.31
C PHE A 32 16.93 -15.66 11.08
N ARG A 33 16.25 -15.89 12.20
CA ARG A 33 16.44 -17.10 13.00
C ARG A 33 15.64 -18.22 12.30
N PRO A 34 15.90 -19.51 12.60
CA PRO A 34 15.13 -20.60 11.94
C PRO A 34 13.72 -20.83 12.48
N ASP A 35 13.41 -20.34 13.69
CA ASP A 35 12.15 -20.54 14.40
C ASP A 35 10.92 -20.16 13.60
N GLU A 36 9.96 -21.09 13.49
CA GLU A 36 8.74 -20.83 12.74
C GLU A 36 7.76 -20.01 13.54
N VAL A 37 6.92 -19.25 12.84
CA VAL A 37 5.81 -18.49 13.40
C VAL A 37 4.72 -19.54 13.73
N PRO A 38 4.16 -19.54 14.97
CA PRO A 38 3.08 -20.49 15.31
C PRO A 38 1.92 -20.37 14.34
N GLU A 39 1.32 -21.51 13.99
CA GLU A 39 0.23 -21.56 13.01
C GLU A 39 -0.91 -20.61 13.34
N GLU A 40 -1.37 -20.57 14.60
CA GLU A 40 -2.45 -19.68 14.97
C GLU A 40 -2.10 -18.22 14.84
N THR A 41 -0.82 -17.86 15.05
CA THR A 41 -0.37 -16.47 14.87
C THR A 41 -0.35 -16.15 13.40
N MSE A 42 0.14 -17.09 12.56
CA MSE A 42 0.17 -16.87 11.11
C MSE A 42 -1.23 -16.65 10.57
O MSE A 42 -1.42 -15.73 9.81
CB MSE A 42 0.83 -18.03 10.38
CG MSE A 42 1.66 -17.56 9.17
SE MSE A 42 2.91 -18.90 8.53
CE MSE A 42 3.00 -20.13 9.97
N ARG A 43 -2.20 -17.47 10.99
CA ARG A 43 -3.59 -17.32 10.51
C ARG A 43 -4.17 -15.95 10.94
N ALA A 44 -3.91 -15.53 12.18
CA ALA A 44 -4.38 -14.25 12.72
C ALA A 44 -3.82 -13.07 11.92
N VAL A 45 -2.52 -13.12 11.57
CA VAL A 45 -1.84 -12.06 10.83
C VAL A 45 -2.42 -11.93 9.40
N PHE A 46 -2.56 -13.06 8.69
CA PHE A 46 -3.09 -13.07 7.32
C PHE A 46 -4.58 -12.71 7.28
N GLU A 47 -5.35 -13.06 8.33
CA GLU A 47 -6.77 -12.71 8.44
CA GLU A 47 -6.76 -12.69 8.37
C GLU A 47 -6.85 -11.18 8.61
N LEU A 48 -6.02 -10.66 9.52
CA LEU A 48 -6.02 -9.22 9.79
C LEU A 48 -5.63 -8.42 8.54
N ALA A 49 -4.60 -8.87 7.79
CA ALA A 49 -4.14 -8.20 6.57
C ALA A 49 -5.28 -8.05 5.55
N GLY A 50 -6.21 -9.03 5.55
CA GLY A 50 -7.36 -9.02 4.65
C GLY A 50 -8.27 -7.81 4.81
N HIS A 51 -8.16 -7.09 5.96
CA HIS A 51 -8.93 -5.88 6.26
C HIS A 51 -8.39 -4.62 5.57
N ALA A 52 -7.36 -4.79 4.74
CA ALA A 52 -6.87 -3.69 3.91
C ALA A 52 -8.03 -3.20 3.01
N PRO A 53 -8.16 -1.88 2.79
CA PRO A 53 -9.17 -1.37 1.85
C PRO A 53 -8.66 -1.58 0.40
N SER A 54 -9.56 -1.37 -0.57
CA SER A 54 -9.19 -1.51 -1.97
C SER A 54 -10.29 -0.86 -2.79
N ASN A 55 -9.98 -0.49 -4.04
CA ASN A 55 -10.97 0.10 -4.97
C ASN A 55 -12.18 -0.83 -5.04
N SER A 56 -13.38 -0.30 -4.71
CA SER A 56 -14.65 -1.02 -4.75
C SER A 56 -14.64 -2.34 -3.94
N ASN A 57 -13.77 -2.43 -2.90
CA ASN A 57 -13.65 -3.64 -2.08
C ASN A 57 -13.32 -4.88 -2.94
N THR A 58 -12.59 -4.69 -4.05
CA THR A 58 -12.22 -5.77 -4.96
C THR A 58 -11.22 -6.74 -4.33
N GLN A 59 -10.41 -6.30 -3.34
CA GLN A 59 -9.44 -7.20 -2.66
C GLN A 59 -8.68 -8.05 -3.69
N PRO A 60 -7.93 -7.41 -4.62
CA PRO A 60 -7.36 -8.18 -5.76
C PRO A 60 -6.22 -9.12 -5.43
N TRP A 61 -5.77 -9.12 -4.17
CA TRP A 61 -4.64 -9.94 -3.72
C TRP A 61 -4.92 -11.43 -3.65
N HIS A 62 -3.92 -12.21 -4.07
CA HIS A 62 -3.92 -13.67 -3.93
C HIS A 62 -2.56 -13.97 -3.31
N VAL A 63 -2.57 -14.55 -2.10
CA VAL A 63 -1.32 -14.68 -1.37
C VAL A 63 -0.95 -16.13 -1.12
N GLU A 64 0.26 -16.51 -1.56
CA GLU A 64 0.78 -17.87 -1.36
C GLU A 64 1.82 -17.86 -0.25
N VAL A 65 1.51 -18.47 0.90
CA VAL A 65 2.43 -18.53 2.04
C VAL A 65 3.09 -19.88 2.00
N VAL A 66 4.43 -19.88 1.99
CA VAL A 66 5.21 -21.11 1.82
C VAL A 66 6.14 -21.30 3.02
N SER A 67 6.14 -22.52 3.59
CA SER A 67 6.95 -22.89 4.75
C SER A 67 7.55 -24.30 4.55
N GLY A 68 8.37 -24.72 5.51
CA GLY A 68 8.95 -26.06 5.56
C GLY A 68 9.64 -26.52 4.29
N ALA A 69 9.47 -27.81 3.94
CA ALA A 69 10.12 -28.41 2.76
C ALA A 69 9.70 -27.70 1.47
N ALA A 70 8.43 -27.24 1.38
CA ALA A 70 7.96 -26.52 0.18
C ALA A 70 8.76 -25.21 0.02
N ARG A 71 9.02 -24.50 1.15
CA ARG A 71 9.83 -23.26 1.14
C ARG A 71 11.29 -23.60 0.73
N ASP A 72 11.84 -24.71 1.20
CA ASP A 72 13.20 -25.14 0.84
C ASP A 72 13.31 -25.42 -0.67
N ARG A 73 12.34 -26.17 -1.24
CA ARG A 73 12.30 -26.51 -2.67
C ARG A 73 12.21 -25.24 -3.52
N LEU A 74 11.36 -24.29 -3.08
CA LEU A 74 11.16 -23.01 -3.74
C LEU A 74 12.45 -22.22 -3.73
N ALA A 75 13.13 -22.11 -2.57
CA ALA A 75 14.41 -21.37 -2.45
C ALA A 75 15.46 -21.98 -3.42
N GLU A 76 15.57 -23.32 -3.43
CA GLU A 76 16.51 -23.98 -4.33
C GLU A 76 16.19 -23.77 -5.81
N ALA A 77 14.87 -23.77 -6.17
CA ALA A 77 14.45 -23.51 -7.56
C ALA A 77 14.83 -22.07 -7.96
N LEU A 78 14.67 -21.11 -7.04
CA LEU A 78 15.04 -19.72 -7.31
C LEU A 78 16.54 -19.56 -7.51
N VAL A 79 17.35 -20.20 -6.64
CA VAL A 79 18.83 -20.18 -6.73
C VAL A 79 19.28 -20.74 -8.10
N THR A 80 18.67 -21.86 -8.52
CA THR A 80 18.97 -22.52 -9.81
C THR A 80 18.55 -21.62 -10.98
N ALA A 81 17.33 -21.01 -10.93
CA ALA A 81 16.85 -20.12 -12.02
C ALA A 81 17.79 -18.93 -12.19
N HIS A 82 18.24 -18.34 -11.06
CA HIS A 82 19.17 -17.22 -11.08
C HIS A 82 20.52 -17.63 -11.70
N ALA A 83 21.07 -18.78 -11.28
CA ALA A 83 22.35 -19.30 -11.77
C ALA A 83 22.32 -19.60 -13.27
N GLU A 84 21.14 -19.96 -13.79
CA GLU A 84 20.93 -20.30 -15.19
C GLU A 84 20.45 -19.09 -16.02
N GLU A 85 20.32 -17.92 -15.37
CA GLU A 85 19.87 -16.64 -15.97
C GLU A 85 18.46 -16.73 -16.56
N ARG A 86 17.60 -17.51 -15.91
CA ARG A 86 16.23 -17.67 -16.36
C ARG A 86 15.34 -16.64 -15.67
N VAL A 87 15.63 -15.36 -15.96
CA VAL A 87 14.86 -14.25 -15.43
C VAL A 87 13.50 -14.22 -16.15
N THR A 88 12.41 -14.18 -15.39
CA THR A 88 11.04 -14.10 -15.90
C THR A 88 10.34 -13.05 -15.04
N VAL A 89 10.08 -11.89 -15.65
CA VAL A 89 9.49 -10.76 -14.95
CA VAL A 89 9.49 -10.74 -14.95
C VAL A 89 8.11 -10.40 -15.50
N ASP A 90 7.14 -10.22 -14.60
CA ASP A 90 5.78 -9.87 -14.99
C ASP A 90 5.63 -8.38 -15.06
N PHE A 91 6.30 -7.65 -14.14
CA PHE A 91 6.22 -6.19 -14.09
C PHE A 91 7.63 -5.66 -14.32
N PRO A 92 7.92 -5.10 -15.51
CA PRO A 92 9.28 -4.59 -15.79
C PRO A 92 9.88 -3.70 -14.71
N TYR A 93 11.21 -3.81 -14.50
CA TYR A 93 11.98 -2.99 -13.54
C TYR A 93 13.14 -2.49 -14.42
N ARG A 94 12.86 -1.45 -15.22
CA ARG A 94 13.80 -0.92 -16.19
C ARG A 94 14.77 0.11 -15.64
N GLU A 95 15.95 0.21 -16.30
CA GLU A 95 16.95 1.23 -16.00
C GLU A 95 16.28 2.56 -16.33
N GLY A 96 16.40 3.52 -15.45
CA GLY A 96 15.78 4.83 -15.68
C GLY A 96 14.38 4.93 -15.13
N LEU A 97 13.88 3.86 -14.45
CA LEU A 97 12.59 3.91 -13.77
C LEU A 97 12.67 5.03 -12.71
N PHE A 98 13.85 5.19 -12.08
CA PHE A 98 14.08 6.23 -11.06
C PHE A 98 15.06 7.27 -11.57
N GLN A 99 14.64 8.53 -11.50
CA GLN A 99 15.47 9.66 -11.94
C GLN A 99 15.44 10.75 -10.85
N GLY A 100 16.29 11.76 -10.97
CA GLY A 100 16.36 12.88 -10.03
C GLY A 100 16.56 12.45 -8.60
N VAL A 101 15.74 13.00 -7.68
CA VAL A 101 15.87 12.67 -6.26
C VAL A 101 15.52 11.20 -5.96
N LEU A 102 14.63 10.60 -6.75
CA LEU A 102 14.31 9.18 -6.52
C LEU A 102 15.53 8.31 -6.74
N GLN A 103 16.31 8.60 -7.81
CA GLN A 103 17.54 7.87 -8.11
C GLN A 103 18.57 8.10 -6.99
N GLU A 104 18.66 9.33 -6.45
CA GLU A 104 19.61 9.58 -5.36
C GLU A 104 19.21 8.88 -4.06
N ARG A 105 17.90 8.77 -3.78
CA ARG A 105 17.46 8.04 -2.57
C ARG A 105 17.83 6.55 -2.72
N ARG A 106 17.66 6.00 -3.94
CA ARG A 106 18.00 4.60 -4.26
C ARG A 106 19.53 4.40 -4.07
N ALA A 107 20.35 5.31 -4.60
CA ALA A 107 21.80 5.23 -4.50
C ALA A 107 22.25 5.31 -3.03
N ASP A 108 21.63 6.22 -2.27
CA ASP A 108 21.91 6.46 -0.84
C ASP A 108 21.54 5.22 -0.03
N PHE A 109 20.37 4.63 -0.33
CA PHE A 109 19.96 3.38 0.33
C PHE A 109 21.01 2.26 0.07
N GLY A 110 21.39 2.06 -1.20
CA GLY A 110 22.33 1.02 -1.60
C GLY A 110 23.65 1.16 -0.89
N SER A 111 24.14 2.42 -0.77
CA SER A 111 25.39 2.73 -0.09
C SER A 111 25.34 2.31 1.37
N ARG A 112 24.22 2.61 2.04
CA ARG A 112 24.02 2.22 3.45
C ARG A 112 23.92 0.70 3.60
N LEU A 113 23.13 0.05 2.75
CA LEU A 113 22.98 -1.42 2.81
C LEU A 113 24.32 -2.13 2.57
N TYR A 114 25.01 -1.79 1.46
CA TYR A 114 26.29 -2.41 1.13
C TYR A 114 27.38 -2.17 2.15
N ALA A 115 27.34 -1.00 2.85
CA ALA A 115 28.28 -0.72 3.93
C ALA A 115 28.02 -1.65 5.13
N ALA A 116 26.72 -1.87 5.50
CA ALA A 116 26.34 -2.78 6.59
C ALA A 116 26.74 -4.23 6.29
N LEU A 117 26.67 -4.64 5.01
CA LEU A 117 27.04 -5.99 4.54
C LEU A 117 28.55 -6.14 4.39
N GLY A 118 29.27 -5.02 4.35
CA GLY A 118 30.72 -5.04 4.16
C GLY A 118 31.09 -5.48 2.76
N ILE A 119 30.31 -5.01 1.74
CA ILE A 119 30.53 -5.36 0.33
C ILE A 119 30.90 -4.10 -0.43
N ALA A 120 32.10 -4.08 -1.05
CA ALA A 120 32.55 -2.94 -1.86
C ALA A 120 31.89 -2.95 -3.26
N ARG A 121 32.00 -1.83 -4.02
CA ARG A 121 31.41 -1.65 -5.35
C ARG A 121 31.82 -2.70 -6.42
N ASP A 122 33.12 -3.04 -6.48
CA ASP A 122 33.68 -3.98 -7.46
C ASP A 122 33.72 -5.46 -7.03
N GLN A 123 33.06 -5.81 -5.92
CA GLN A 123 33.07 -7.17 -5.37
C GLN A 123 31.94 -8.06 -5.89
N THR A 124 32.06 -8.47 -7.16
CA THR A 124 31.09 -9.32 -7.88
C THR A 124 30.83 -10.68 -7.20
N ASP A 125 31.87 -11.35 -6.67
CA ASP A 125 31.73 -12.65 -6.01
C ASP A 125 30.96 -12.55 -4.70
N LEU A 126 31.20 -11.46 -3.91
CA LEU A 126 30.48 -11.22 -2.67
C LEU A 126 29.03 -10.80 -2.97
N LEU A 127 28.85 -10.01 -4.03
CA LEU A 127 27.53 -9.56 -4.50
C LEU A 127 26.70 -10.76 -4.94
N GLN A 128 27.34 -11.75 -5.61
CA GLN A 128 26.68 -12.98 -6.05
C GLN A 128 26.21 -13.81 -4.86
N GLY A 129 27.09 -13.99 -3.87
CA GLY A 129 26.80 -14.70 -2.63
C GLY A 129 25.64 -14.06 -1.88
N TYR A 130 25.62 -12.73 -1.82
CA TYR A 130 24.53 -11.99 -1.16
C TYR A 130 23.18 -12.19 -1.89
N ASN A 131 23.19 -12.13 -3.23
CA ASN A 131 22.02 -12.33 -4.08
C ASN A 131 21.45 -13.74 -3.86
N THR A 132 22.32 -14.77 -3.76
CA THR A 132 21.94 -16.17 -3.50
C THR A 132 21.21 -16.26 -2.16
N GLU A 133 21.77 -15.61 -1.12
CA GLU A 133 21.18 -15.56 0.21
C GLU A 133 19.80 -14.86 0.18
N SER A 134 19.64 -13.82 -0.66
CA SER A 134 18.36 -13.13 -0.80
C SER A 134 17.29 -14.05 -1.44
N LEU A 135 17.73 -14.92 -2.38
CA LEU A 135 16.81 -15.87 -3.04
C LEU A 135 16.45 -17.04 -2.12
N ARG A 136 17.23 -17.18 -1.03
CA ARG A 136 16.99 -18.13 0.05
C ARG A 136 16.20 -17.43 1.18
N PHE A 137 15.58 -16.27 0.84
CA PHE A 137 14.70 -15.52 1.75
C PHE A 137 15.42 -15.05 3.01
N TYR A 138 16.75 -14.83 2.91
CA TYR A 138 17.58 -14.41 4.04
C TYR A 138 17.53 -15.41 5.25
N GLY A 139 17.23 -16.67 4.95
CA GLY A 139 17.12 -17.71 5.96
C GLY A 139 15.77 -17.70 6.66
N ALA A 140 14.83 -16.86 6.20
CA ALA A 140 13.50 -16.80 6.83
C ALA A 140 12.77 -18.13 6.67
N PRO A 141 12.03 -18.57 7.72
CA PRO A 141 11.31 -19.86 7.62
C PRO A 141 10.09 -19.78 6.71
N HIS A 142 9.61 -18.55 6.42
CA HIS A 142 8.41 -18.37 5.60
C HIS A 142 8.58 -17.29 4.56
N VAL A 143 7.81 -17.45 3.48
CA VAL A 143 7.76 -16.41 2.44
C VAL A 143 6.30 -16.27 1.97
N ALA A 144 5.83 -15.03 1.82
CA ALA A 144 4.50 -14.79 1.28
C ALA A 144 4.70 -14.21 -0.12
N MSE A 145 4.18 -14.90 -1.15
CA MSE A 145 4.27 -14.47 -2.54
C MSE A 145 2.95 -13.75 -2.86
O MSE A 145 1.87 -14.31 -2.71
CB MSE A 145 4.47 -15.68 -3.47
CG MSE A 145 5.82 -16.37 -3.27
SE MSE A 145 7.29 -15.17 -3.75
CE MSE A 145 8.76 -16.52 -3.56
N LEU A 146 3.07 -12.47 -3.25
CA LEU A 146 1.91 -11.60 -3.53
C LEU A 146 1.60 -11.56 -4.99
N PHE A 147 0.56 -12.32 -5.35
CA PHE A 147 0.07 -12.44 -6.71
C PHE A 147 -1.07 -11.47 -6.95
N ALA A 148 -1.05 -10.91 -8.14
CA ALA A 148 -2.00 -9.92 -8.60
C ALA A 148 -2.70 -10.39 -9.88
N PRO A 149 -3.87 -9.80 -10.24
CA PRO A 149 -4.53 -10.20 -11.48
C PRO A 149 -3.64 -10.02 -12.73
N ASN A 150 -3.92 -10.81 -13.77
CA ASN A 150 -3.16 -10.75 -15.03
C ASN A 150 -3.16 -9.36 -15.65
N ASN A 151 -4.28 -8.63 -15.53
CA ASN A 151 -4.39 -7.31 -16.13
CA ASN A 151 -4.41 -7.30 -16.12
C ASN A 151 -4.03 -6.15 -15.19
N THR A 152 -3.27 -6.44 -14.11
CA THR A 152 -2.86 -5.41 -13.14
C THR A 152 -2.23 -4.20 -13.81
N GLU A 153 -2.69 -3.01 -13.42
CA GLU A 153 -2.15 -1.72 -13.84
C GLU A 153 -1.91 -0.92 -12.55
N ALA A 154 -1.72 0.42 -12.65
CA ALA A 154 -1.41 1.23 -11.49
C ALA A 154 -2.40 1.16 -10.32
N ARG A 155 -3.71 1.23 -10.58
CA ARG A 155 -4.69 1.23 -9.49
C ARG A 155 -4.73 -0.10 -8.74
N ILE A 156 -4.77 -1.22 -9.45
CA ILE A 156 -4.75 -2.53 -8.83
C ILE A 156 -3.43 -2.69 -8.06
N ALA A 157 -2.28 -2.30 -8.67
CA ALA A 157 -0.98 -2.40 -7.98
C ALA A 157 -1.00 -1.58 -6.69
N GLY A 158 -1.65 -0.41 -6.70
CA GLY A 158 -1.80 0.44 -5.53
C GLY A 158 -2.48 -0.34 -4.43
N ASP A 159 -3.54 -1.08 -4.77
CA ASP A 159 -4.24 -1.93 -3.75
C ASP A 159 -3.35 -3.04 -3.21
N MSE A 160 -2.49 -3.60 -4.08
CA MSE A 160 -1.54 -4.64 -3.66
C MSE A 160 -0.60 -4.06 -2.58
O MSE A 160 -0.28 -4.75 -1.61
CB MSE A 160 -0.74 -5.18 -4.83
CG MSE A 160 -1.58 -5.82 -5.91
SE MSE A 160 -2.55 -7.42 -5.29
CE MSE A 160 -1.02 -8.46 -4.55
N GLY A 161 -0.15 -2.80 -2.78
CA GLY A 161 0.72 -2.11 -1.82
C GLY A 161 0.00 -1.85 -0.51
N ILE A 162 -1.27 -1.44 -0.58
CA ILE A 162 -2.09 -1.24 0.64
C ILE A 162 -2.09 -2.55 1.43
N TYR A 163 -2.37 -3.66 0.74
CA TYR A 163 -2.35 -4.98 1.39
C TYR A 163 -0.97 -5.32 2.00
N ALA A 164 0.10 -5.16 1.20
CA ALA A 164 1.47 -5.50 1.63
C ALA A 164 1.83 -4.76 2.94
N GLN A 165 1.52 -3.47 3.02
CA GLN A 165 1.84 -2.70 4.23
C GLN A 165 0.94 -3.13 5.39
N THR A 166 -0.33 -3.42 5.13
CA THR A 166 -1.22 -3.92 6.19
C THR A 166 -0.62 -5.20 6.77
N LEU A 167 -0.18 -6.09 5.88
CA LEU A 167 0.40 -7.36 6.31
C LEU A 167 1.68 -7.15 7.11
N MSE A 168 2.61 -6.30 6.62
CA MSE A 168 3.88 -6.09 7.31
C MSE A 168 3.68 -5.48 8.71
O MSE A 168 4.40 -5.81 9.65
CB MSE A 168 4.83 -5.26 6.45
CG MSE A 168 5.35 -6.06 5.27
SE MSE A 168 6.71 -5.06 4.29
CE MSE A 168 5.54 -3.78 3.32
N LEU A 169 2.68 -4.57 8.84
CA LEU A 169 2.39 -3.96 10.13
C LEU A 169 1.72 -4.99 11.08
N ALA A 170 0.82 -5.84 10.55
CA ALA A 170 0.19 -6.91 11.34
C ALA A 170 1.30 -7.86 11.85
N MSE A 171 2.32 -8.13 10.99
CA MSE A 171 3.47 -8.98 11.38
C MSE A 171 4.27 -8.30 12.49
O MSE A 171 4.49 -8.91 13.55
CB MSE A 171 4.38 -9.26 10.17
CG MSE A 171 3.75 -10.19 9.14
SE MSE A 171 4.87 -10.27 7.58
CE MSE A 171 3.86 -11.82 6.70
N THR A 172 4.63 -7.01 12.29
CA THR A 172 5.37 -6.27 13.29
C THR A 172 4.66 -6.30 14.67
N ALA A 173 3.30 -6.20 14.68
CA ALA A 173 2.52 -6.20 15.92
C ALA A 173 2.69 -7.49 16.73
N HIS A 174 3.01 -8.61 16.04
CA HIS A 174 3.21 -9.92 16.68
C HIS A 174 4.70 -10.26 16.83
N GLY A 175 5.56 -9.24 16.69
CA GLY A 175 7.01 -9.39 16.79
C GLY A 175 7.62 -10.14 15.64
N ILE A 176 6.91 -10.19 14.49
CA ILE A 176 7.37 -10.91 13.30
C ILE A 176 8.09 -9.91 12.37
N ALA A 177 9.35 -10.20 12.07
CA ALA A 177 10.19 -9.41 11.17
C ALA A 177 9.87 -9.79 9.73
N SER A 178 10.08 -8.86 8.81
CA SER A 178 9.80 -9.12 7.40
C SER A 178 10.73 -8.35 6.50
N CYS A 179 10.83 -8.80 5.25
CA CYS A 179 11.53 -8.08 4.20
C CYS A 179 10.73 -8.16 2.92
N PRO A 180 10.20 -7.03 2.43
CA PRO A 180 9.50 -7.06 1.15
C PRO A 180 10.58 -7.22 0.08
N GLN A 181 10.35 -8.07 -0.92
CA GLN A 181 11.40 -8.29 -1.90
C GLN A 181 10.89 -8.25 -3.33
N ALA A 182 11.25 -7.22 -4.10
CA ALA A 182 10.93 -7.19 -5.54
C ALA A 182 11.78 -8.28 -6.24
N LEU A 183 12.97 -8.58 -5.68
CA LEU A 183 13.86 -9.59 -6.30
C LEU A 183 13.17 -10.91 -6.64
N LEU A 184 12.32 -11.40 -5.74
CA LEU A 184 11.59 -12.67 -5.94
C LEU A 184 10.66 -12.65 -7.15
N SER A 185 10.17 -11.44 -7.53
CA SER A 185 9.29 -11.28 -8.67
C SER A 185 10.04 -11.32 -10.01
N PHE A 186 11.39 -11.41 -10.00
CA PHE A 186 12.18 -11.50 -11.24
C PHE A 186 12.30 -12.94 -11.73
N TYR A 187 11.69 -13.90 -11.00
CA TYR A 187 11.69 -15.30 -11.39
C TYR A 187 10.25 -15.80 -11.26
N ALA A 188 9.31 -15.00 -11.78
CA ALA A 188 7.88 -15.25 -11.67
C ALA A 188 7.44 -16.61 -12.21
N ASP A 189 8.00 -17.06 -13.36
CA ASP A 189 7.63 -18.38 -13.90
C ASP A 189 8.05 -19.50 -12.96
N THR A 190 9.20 -19.33 -12.27
CA THR A 190 9.71 -20.34 -11.33
C THR A 190 8.77 -20.42 -10.13
N VAL A 191 8.42 -19.28 -9.57
CA VAL A 191 7.51 -19.25 -8.41
C VAL A 191 6.17 -19.89 -8.81
N ARG A 192 5.62 -19.49 -9.98
CA ARG A 192 4.35 -20.04 -10.46
C ARG A 192 4.40 -21.56 -10.61
N ALA A 193 5.46 -22.07 -11.28
CA ALA A 193 5.64 -23.52 -11.51
C ALA A 193 5.74 -24.30 -10.19
N GLU A 194 6.52 -23.80 -9.22
CA GLU A 194 6.69 -24.47 -7.91
C GLU A 194 5.43 -24.47 -7.05
N LEU A 195 4.58 -23.46 -7.21
CA LEU A 195 3.36 -23.30 -6.40
C LEU A 195 2.05 -23.66 -7.09
N GLY A 196 2.12 -24.12 -8.33
CA GLY A 196 0.93 -24.48 -9.09
C GLY A 196 0.03 -23.31 -9.42
N VAL A 197 0.60 -22.09 -9.47
CA VAL A 197 -0.15 -20.88 -9.76
C VAL A 197 -0.14 -20.61 -11.26
N GLU A 198 -1.27 -20.19 -11.80
CA GLU A 198 -1.41 -19.88 -13.21
C GLU A 198 -2.27 -18.63 -13.33
N ASN A 199 -2.04 -17.85 -14.41
CA ASN A 199 -2.89 -16.70 -14.74
C ASN A 199 -2.97 -15.65 -13.65
N ARG A 200 -1.86 -15.44 -12.93
CA ARG A 200 -1.70 -14.37 -11.94
C ARG A 200 -0.30 -13.86 -12.10
N LYS A 201 -0.11 -12.56 -11.87
CA LYS A 201 1.20 -11.93 -11.98
C LYS A 201 1.81 -11.76 -10.60
N LEU A 202 3.13 -11.95 -10.51
CA LEU A 202 3.83 -11.85 -9.23
C LEU A 202 4.42 -10.45 -9.04
N LEU A 203 3.95 -9.74 -8.04
CA LEU A 203 4.43 -8.38 -7.81
C LEU A 203 5.65 -8.34 -6.92
N MSE A 204 5.63 -9.14 -5.84
CA MSE A 204 6.71 -9.20 -4.84
CA MSE A 204 6.72 -9.20 -4.84
C MSE A 204 6.52 -10.41 -3.94
O MSE A 204 5.44 -11.01 -3.92
CB MSE A 204 6.63 -7.94 -3.96
CB MSE A 204 6.72 -7.91 -3.96
CG MSE A 204 5.22 -7.73 -3.35
CG MSE A 204 5.56 -7.87 -2.93
SE MSE A 204 5.02 -6.00 -2.51
SE MSE A 204 5.64 -6.33 -1.71
CE MSE A 204 6.13 -6.31 -1.00
CE MSE A 204 4.65 -5.07 -2.82
N GLY A 205 7.54 -10.67 -3.13
CA GLY A 205 7.49 -11.69 -2.09
C GLY A 205 7.81 -10.96 -0.80
N ILE A 206 7.36 -11.49 0.32
CA ILE A 206 7.72 -10.94 1.63
C ILE A 206 8.27 -12.10 2.47
N SER A 207 9.57 -12.05 2.79
CA SER A 207 10.17 -13.11 3.64
C SER A 207 9.85 -12.72 5.08
N PHE A 208 9.48 -13.68 5.92
CA PHE A 208 9.18 -13.33 7.31
C PHE A 208 9.51 -14.43 8.32
N GLY A 209 9.61 -14.02 9.57
CA GLY A 209 9.95 -14.89 10.69
C GLY A 209 10.45 -14.02 11.82
N TYR A 210 11.47 -14.48 12.56
CA TYR A 210 12.04 -13.72 13.67
C TYR A 210 13.44 -13.26 13.36
N ALA A 211 13.69 -11.96 13.57
CA ALA A 211 14.97 -11.34 13.26
C ALA A 211 16.11 -11.96 14.03
N ASP A 212 17.25 -12.12 13.37
CA ASP A 212 18.49 -12.55 14.00
C ASP A 212 19.16 -11.21 14.42
N ASP A 213 18.98 -10.83 15.70
CA ASP A 213 19.51 -9.57 16.25
C ASP A 213 21.04 -9.46 16.37
N THR A 214 21.78 -10.56 16.09
CA THR A 214 23.24 -10.56 16.13
C THR A 214 23.83 -10.23 14.73
N ALA A 215 22.97 -10.17 13.70
CA ALA A 215 23.40 -9.88 12.35
C ALA A 215 23.59 -8.39 12.13
N ALA A 216 24.79 -8.00 11.66
CA ALA A 216 25.13 -6.60 11.36
C ALA A 216 24.16 -5.95 10.36
N VAL A 217 23.67 -6.70 9.35
CA VAL A 217 22.71 -6.15 8.38
C VAL A 217 21.40 -5.64 9.06
N ASN A 218 21.03 -6.22 10.22
CA ASN A 218 19.83 -5.84 10.95
C ASN A 218 19.98 -4.58 11.79
N GLY A 219 21.22 -4.06 11.86
CA GLY A 219 21.55 -2.83 12.56
C GLY A 219 21.43 -1.62 11.67
N VAL A 220 21.28 -1.84 10.34
CA VAL A 220 21.16 -0.72 9.40
C VAL A 220 19.87 0.06 9.69
N ARG A 221 19.94 1.38 9.61
CA ARG A 221 18.78 2.23 9.88
C ARG A 221 18.66 3.16 8.68
N ILE A 222 17.64 2.93 7.86
CA ILE A 222 17.46 3.70 6.64
C ILE A 222 16.62 4.94 6.91
N PRO A 223 17.14 6.14 6.58
CA PRO A 223 16.39 7.36 6.89
C PRO A 223 15.29 7.61 5.89
N ARG A 224 14.50 8.66 6.18
CA ARG A 224 13.44 9.09 5.26
C ARG A 224 13.74 10.54 4.93
N ALA A 225 13.18 11.05 3.83
CA ALA A 225 13.34 12.46 3.45
C ALA A 225 12.55 13.28 4.52
N GLY A 226 12.88 14.52 4.77
CA GLY A 226 12.06 15.24 5.76
C GLY A 226 10.60 15.42 5.34
N LEU A 227 9.70 15.76 6.30
CA LEU A 227 8.29 16.02 5.97
C LEU A 227 8.17 17.14 4.89
N SER A 228 9.04 18.15 4.97
CA SER A 228 9.05 19.30 4.05
C SER A 228 9.38 18.87 2.61
N GLU A 229 10.06 17.73 2.49
CA GLU A 229 10.52 17.20 1.22
C GLU A 229 9.48 16.41 0.48
N THR A 230 8.56 15.77 1.19
CA THR A 230 7.55 14.91 0.56
C THR A 230 6.14 15.51 0.60
N THR A 231 5.87 16.41 1.55
CA THR A 231 4.53 16.90 1.83
C THR A 231 4.44 18.42 1.81
N ARG A 232 3.40 18.93 1.20
CA ARG A 232 3.17 20.38 1.15
C ARG A 232 1.79 20.68 1.71
N PHE A 233 1.71 21.60 2.68
CA PHE A 233 0.44 22.02 3.27
C PHE A 233 0.04 23.39 2.77
N SER A 234 -1.20 23.51 2.28
CA SER A 234 -1.70 24.79 1.77
CA SER A 234 -1.66 24.83 1.85
C SER A 234 -3.05 25.13 2.37
N ARG A 235 -3.35 26.42 2.50
CA ARG A 235 -4.62 26.92 2.98
CA ARG A 235 -4.63 26.92 2.96
C ARG A 235 -4.96 28.28 2.35
N VAL B 13 -2.17 -0.25 25.98
CA VAL B 13 -2.49 -1.05 24.80
C VAL B 13 -1.32 -1.93 24.33
N ASP B 14 -1.55 -3.26 24.24
CA ASP B 14 -0.57 -4.23 23.75
C ASP B 14 -0.51 -4.07 22.22
N LEU B 15 0.66 -4.33 21.58
CA LEU B 15 0.87 -4.11 20.14
C LEU B 15 -0.08 -4.87 19.22
N ALA B 16 -0.30 -6.17 19.50
CA ALA B 16 -1.19 -7.02 18.70
C ALA B 16 -2.61 -6.43 18.73
N GLN B 17 -3.07 -6.00 19.92
CA GLN B 17 -4.39 -5.40 20.10
C GLN B 17 -4.50 -4.08 19.36
N ALA B 18 -3.44 -3.25 19.43
CA ALA B 18 -3.40 -1.97 18.74
C ALA B 18 -3.49 -2.13 17.22
N ALA B 19 -2.74 -3.12 16.65
CA ALA B 19 -2.79 -3.33 15.19
C ALA B 19 -4.20 -3.75 14.77
N GLU B 20 -4.89 -4.59 15.58
CA GLU B 20 -6.25 -5.00 15.26
CA GLU B 20 -6.26 -5.00 15.27
C GLU B 20 -7.19 -3.79 15.30
N ARG B 21 -7.06 -2.93 16.32
CA ARG B 21 -7.86 -1.72 16.45
C ARG B 21 -7.66 -0.76 15.27
N LEU B 22 -6.41 -0.52 14.87
CA LEU B 22 -6.13 0.38 13.75
C LEU B 22 -6.62 -0.18 12.43
N ILE B 23 -6.24 -1.44 12.14
CA ILE B 23 -6.55 -2.06 10.86
C ILE B 23 -8.04 -2.32 10.66
N LYS B 24 -8.73 -2.83 11.69
CA LYS B 24 -10.18 -3.03 11.57
C LYS B 24 -10.96 -1.73 11.84
N GLY B 25 -10.39 -0.84 12.63
CA GLY B 25 -11.03 0.43 12.99
C GLY B 25 -11.11 1.43 11.85
N ARG B 26 -10.09 1.43 10.98
CA ARG B 26 -10.09 2.31 9.81
C ARG B 26 -11.23 1.86 8.86
N ARG B 27 -12.10 2.81 8.47
CA ARG B 27 -13.18 2.53 7.52
C ARG B 27 -13.25 3.71 6.54
N ALA B 28 -13.82 3.49 5.33
CA ALA B 28 -14.01 4.60 4.37
C ALA B 28 -15.20 5.40 4.90
N VAL B 29 -14.94 6.63 5.34
CA VAL B 29 -15.93 7.53 5.93
C VAL B 29 -16.39 8.55 4.87
N ARG B 30 -17.72 8.66 4.67
CA ARG B 30 -18.32 9.46 3.59
C ARG B 30 -19.22 10.59 4.06
N ALA B 31 -18.98 11.07 5.29
CA ALA B 31 -19.70 12.20 5.88
C ALA B 31 -18.86 12.66 7.05
N PHE B 32 -18.41 13.92 6.99
CA PHE B 32 -17.53 14.46 8.01
C PHE B 32 -18.14 15.66 8.68
N ARG B 33 -17.68 15.94 9.90
CA ARG B 33 -18.01 17.13 10.64
C ARG B 33 -17.06 18.22 10.08
N PRO B 34 -17.37 19.52 10.30
CA PRO B 34 -16.48 20.58 9.76
C PRO B 34 -15.20 20.86 10.55
N ASP B 35 -15.09 20.35 11.79
CA ASP B 35 -13.96 20.62 12.71
C ASP B 35 -12.61 20.25 12.15
N GLU B 36 -11.67 21.17 12.20
CA GLU B 36 -10.33 20.91 11.65
C GLU B 36 -9.48 20.09 12.58
N VAL B 37 -8.56 19.33 11.98
CA VAL B 37 -7.54 18.57 12.70
C VAL B 37 -6.49 19.60 13.13
N PRO B 38 -6.06 19.62 14.41
CA PRO B 38 -5.02 20.59 14.83
C PRO B 38 -3.76 20.46 13.98
N GLU B 39 -3.11 21.60 13.64
CA GLU B 39 -1.92 21.57 12.78
C GLU B 39 -0.80 20.68 13.32
N GLU B 40 -0.61 20.64 14.65
CA GLU B 40 0.44 19.80 15.26
C GLU B 40 0.13 18.30 15.08
N THR B 41 -1.16 17.93 15.15
CA THR B 41 -1.59 16.53 14.91
C THR B 41 -1.35 16.17 13.44
N MSE B 42 -1.74 17.07 12.52
CA MSE B 42 -1.50 16.81 11.09
C MSE B 42 -0.01 16.62 10.82
O MSE B 42 0.35 15.69 10.11
CB MSE B 42 -2.07 17.92 10.22
CG MSE B 42 -3.37 17.50 9.56
SE MSE B 42 -4.07 18.85 8.38
CE MSE B 42 -4.04 20.35 9.53
N ARG B 43 0.83 17.43 11.45
CA ARG B 43 2.30 17.28 11.31
C ARG B 43 2.73 15.88 11.77
N ALA B 44 2.30 15.46 12.98
CA ALA B 44 2.65 14.16 13.56
C ALA B 44 2.21 13.02 12.62
N VAL B 45 0.99 13.13 12.09
CA VAL B 45 0.44 12.08 11.20
C VAL B 45 1.24 11.94 9.88
N PHE B 46 1.45 13.07 9.19
CA PHE B 46 2.15 13.04 7.90
C PHE B 46 3.64 12.71 8.06
N GLU B 47 4.25 13.07 9.22
CA GLU B 47 5.65 12.71 9.48
C GLU B 47 5.74 11.20 9.65
N LEU B 48 4.80 10.65 10.41
CA LEU B 48 4.75 9.20 10.65
C LEU B 48 4.56 8.44 9.35
N ALA B 49 3.65 8.94 8.48
CA ALA B 49 3.33 8.28 7.21
C ALA B 49 4.54 8.14 6.28
N GLY B 50 5.47 9.10 6.40
CA GLY B 50 6.72 9.13 5.63
C GLY B 50 7.61 7.93 5.92
N HIS B 51 7.35 7.21 7.05
CA HIS B 51 8.09 5.99 7.41
C HIS B 51 7.65 4.74 6.66
N ALA B 52 6.72 4.90 5.74
CA ALA B 52 6.32 3.81 4.85
C ALA B 52 7.59 3.29 4.07
N PRO B 53 7.73 1.97 3.87
CA PRO B 53 8.83 1.47 3.04
C PRO B 53 8.52 1.71 1.55
N SER B 54 9.51 1.49 0.68
CA SER B 54 9.31 1.63 -0.77
C SER B 54 10.47 0.96 -1.45
N ASN B 55 10.33 0.66 -2.75
CA ASN B 55 11.44 0.08 -3.54
C ASN B 55 12.66 0.98 -3.41
N SER B 56 13.76 0.45 -2.87
CA SER B 56 15.04 1.18 -2.75
C SER B 56 14.93 2.48 -1.93
N ASN B 57 13.93 2.57 -1.04
CA ASN B 57 13.69 3.77 -0.23
C ASN B 57 13.44 5.02 -1.13
N THR B 58 12.90 4.82 -2.35
CA THR B 58 12.63 5.91 -3.30
C THR B 58 11.58 6.91 -2.82
N GLN B 59 10.64 6.49 -1.92
CA GLN B 59 9.61 7.38 -1.34
C GLN B 59 8.97 8.23 -2.46
N PRO B 60 8.32 7.57 -3.46
CA PRO B 60 7.87 8.30 -4.65
C PRO B 60 6.73 9.27 -4.44
N TRP B 61 6.13 9.24 -3.25
CA TRP B 61 4.97 10.06 -2.93
C TRP B 61 5.30 11.55 -2.82
N HIS B 62 4.46 12.39 -3.47
CA HIS B 62 4.48 13.84 -3.29
C HIS B 62 3.05 14.13 -2.80
N VAL B 63 2.92 14.62 -1.55
CA VAL B 63 1.58 14.76 -0.96
C VAL B 63 1.19 16.21 -0.79
N GLU B 64 0.05 16.63 -1.39
CA GLU B 64 -0.45 17.99 -1.25
C GLU B 64 -1.63 17.95 -0.30
N VAL B 65 -1.50 18.57 0.87
CA VAL B 65 -2.55 18.62 1.88
C VAL B 65 -3.20 20.00 1.78
N VAL B 66 -4.53 20.01 1.61
CA VAL B 66 -5.28 21.24 1.36
C VAL B 66 -6.32 21.46 2.47
N SER B 67 -6.36 22.67 3.02
CA SER B 67 -7.27 23.06 4.10
C SER B 67 -7.83 24.45 3.84
N GLY B 68 -8.76 24.88 4.69
CA GLY B 68 -9.36 26.21 4.67
C GLY B 68 -9.88 26.71 3.34
N ALA B 69 -9.67 28.01 3.04
CA ALA B 69 -10.14 28.64 1.79
C ALA B 69 -9.60 27.92 0.54
N ALA B 70 -8.33 27.46 0.55
CA ALA B 70 -7.77 26.71 -0.59
C ALA B 70 -8.58 25.43 -0.82
N ARG B 71 -8.95 24.74 0.27
CA ARG B 71 -9.77 23.50 0.20
C ARG B 71 -11.15 23.86 -0.37
N ASP B 72 -11.76 24.96 0.08
CA ASP B 72 -13.04 25.42 -0.46
C ASP B 72 -12.96 25.71 -1.97
N ARG B 73 -11.90 26.44 -2.41
CA ARG B 73 -11.72 26.75 -3.84
C ARG B 73 -11.50 25.50 -4.66
N LEU B 74 -10.74 24.55 -4.12
CA LEU B 74 -10.44 23.27 -4.78
C LEU B 74 -11.75 22.47 -4.93
N ALA B 75 -12.58 22.38 -3.88
CA ALA B 75 -13.89 21.68 -3.97
C ALA B 75 -14.77 22.30 -5.08
N GLU B 76 -14.87 23.64 -5.12
CA GLU B 76 -15.71 24.30 -6.13
C GLU B 76 -15.18 24.09 -7.54
N ALA B 77 -13.85 24.11 -7.68
CA ALA B 77 -13.22 23.87 -8.99
C ALA B 77 -13.49 22.43 -9.47
N LEU B 78 -13.49 21.44 -8.54
CA LEU B 78 -13.78 20.04 -8.89
C LEU B 78 -15.25 19.89 -9.30
N VAL B 79 -16.17 20.50 -8.55
CA VAL B 79 -17.61 20.48 -8.89
C VAL B 79 -17.82 21.08 -10.28
N THR B 80 -17.16 22.23 -10.56
CA THR B 80 -17.28 22.90 -11.87
C THR B 80 -16.70 22.01 -13.00
N ALA B 81 -15.48 21.45 -12.81
CA ALA B 81 -14.85 20.55 -13.79
C ALA B 81 -15.75 19.33 -14.10
N HIS B 82 -16.37 18.75 -13.06
CA HIS B 82 -17.28 17.60 -13.19
C HIS B 82 -18.51 17.99 -14.01
N ALA B 83 -19.08 19.17 -13.70
CA ALA B 83 -20.26 19.70 -14.39
C ALA B 83 -19.98 19.94 -15.88
N GLU B 84 -18.77 20.44 -16.21
CA GLU B 84 -18.30 20.72 -17.57
C GLU B 84 -17.69 19.48 -18.27
N GLU B 85 -17.72 18.29 -17.62
CA GLU B 85 -17.18 17.02 -18.16
C GLU B 85 -15.68 17.09 -18.51
N ARG B 86 -14.92 17.94 -17.76
CA ARG B 86 -13.51 18.12 -18.01
C ARG B 86 -12.74 17.06 -17.25
N VAL B 87 -12.89 15.80 -17.69
CA VAL B 87 -12.22 14.65 -17.11
C VAL B 87 -10.75 14.70 -17.58
N THR B 88 -9.81 14.70 -16.62
CA THR B 88 -8.40 14.79 -16.96
C THR B 88 -7.63 13.77 -16.15
N VAL B 89 -7.94 12.53 -16.37
CA VAL B 89 -7.33 11.45 -15.58
C VAL B 89 -5.93 11.07 -16.11
N ASP B 90 -5.00 10.81 -15.19
CA ASP B 90 -3.63 10.49 -15.51
C ASP B 90 -3.45 9.01 -15.73
N PHE B 91 -4.29 8.18 -15.10
CA PHE B 91 -4.15 6.73 -15.23
C PHE B 91 -5.27 6.09 -16.15
N PRO B 92 -4.96 5.53 -17.35
CA PRO B 92 -6.05 5.00 -18.21
C PRO B 92 -6.67 3.73 -17.66
N TYR B 93 -7.89 3.42 -18.10
CA TYR B 93 -8.56 2.19 -17.67
C TYR B 93 -7.94 1.02 -18.42
N ARG B 94 -7.98 -0.17 -17.83
CA ARG B 94 -7.47 -1.36 -18.51
C ARG B 94 -8.63 -2.33 -18.66
N GLU B 95 -8.86 -2.76 -19.88
CA GLU B 95 -9.94 -3.67 -20.21
C GLU B 95 -9.92 -4.95 -19.39
N GLY B 96 -11.11 -5.36 -18.93
CA GLY B 96 -11.30 -6.53 -18.10
C GLY B 96 -10.77 -6.37 -16.69
N LEU B 97 -10.62 -5.11 -16.22
CA LEU B 97 -10.11 -4.78 -14.88
C LEU B 97 -10.79 -5.61 -13.78
N PHE B 98 -12.14 -5.71 -13.82
CA PHE B 98 -12.92 -6.45 -12.82
C PHE B 98 -13.72 -7.58 -13.46
N GLN B 99 -13.11 -8.77 -13.47
CA GLN B 99 -13.70 -10.00 -14.02
C GLN B 99 -13.91 -10.99 -12.88
N GLY B 100 -14.95 -11.82 -13.00
CA GLY B 100 -15.29 -12.84 -12.03
C GLY B 100 -15.56 -12.32 -10.64
N VAL B 101 -14.86 -12.87 -9.63
CA VAL B 101 -15.06 -12.48 -8.24
C VAL B 101 -14.82 -10.98 -7.98
N LEU B 102 -13.87 -10.34 -8.74
CA LEU B 102 -13.61 -8.90 -8.55
C LEU B 102 -14.86 -8.09 -8.88
N GLN B 103 -15.57 -8.49 -9.96
CA GLN B 103 -16.82 -7.85 -10.33
C GLN B 103 -17.91 -8.10 -9.29
N GLU B 104 -18.04 -9.35 -8.77
CA GLU B 104 -19.02 -9.69 -7.73
C GLU B 104 -18.83 -8.78 -6.49
N ARG B 105 -17.54 -8.60 -6.07
CA ARG B 105 -17.18 -7.76 -4.93
C ARG B 105 -17.56 -6.30 -5.16
N ARG B 106 -17.27 -5.77 -6.37
CA ARG B 106 -17.63 -4.38 -6.70
C ARG B 106 -19.15 -4.20 -6.69
N ALA B 107 -19.90 -5.18 -7.26
CA ALA B 107 -21.37 -5.12 -7.31
C ALA B 107 -21.97 -5.13 -5.91
N ASP B 108 -21.46 -6.03 -5.04
CA ASP B 108 -21.90 -6.17 -3.65
C ASP B 108 -21.59 -4.87 -2.89
N PHE B 109 -20.40 -4.28 -3.11
CA PHE B 109 -20.03 -3.01 -2.47
C PHE B 109 -21.04 -1.91 -2.86
N GLY B 110 -21.25 -1.76 -4.17
CA GLY B 110 -22.19 -0.77 -4.71
C GLY B 110 -23.58 -0.93 -4.11
N SER B 111 -24.06 -2.18 -3.99
CA SER B 111 -25.36 -2.51 -3.41
CA SER B 111 -25.37 -2.48 -3.42
C SER B 111 -25.45 -2.05 -1.95
N ARG B 112 -24.43 -2.36 -1.14
CA ARG B 112 -24.39 -1.98 0.26
C ARG B 112 -24.31 -0.46 0.42
N LEU B 113 -23.50 0.20 -0.41
CA LEU B 113 -23.33 1.64 -0.33
C LEU B 113 -24.64 2.36 -0.64
N TYR B 114 -25.29 2.00 -1.75
CA TYR B 114 -26.56 2.62 -2.16
C TYR B 114 -27.68 2.33 -1.16
N ALA B 115 -27.70 1.11 -0.57
CA ALA B 115 -28.69 0.76 0.45
C ALA B 115 -28.50 1.66 1.69
N ALA B 116 -27.24 1.90 2.13
CA ALA B 116 -26.97 2.80 3.28
C ALA B 116 -27.32 4.26 2.96
N LEU B 117 -27.19 4.66 1.69
CA LEU B 117 -27.55 6.01 1.23
C LEU B 117 -29.06 6.18 1.03
N GLY B 118 -29.78 5.06 0.94
CA GLY B 118 -31.21 5.04 0.67
C GLY B 118 -31.54 5.41 -0.76
N ILE B 119 -30.62 5.10 -1.71
CA ILE B 119 -30.75 5.40 -3.15
C ILE B 119 -30.81 4.11 -3.98
N ALA B 120 -31.62 4.12 -5.06
CA ALA B 120 -31.73 3.01 -6.01
C ALA B 120 -30.92 3.40 -7.26
N ARG B 121 -30.27 2.42 -7.91
CA ARG B 121 -29.45 2.62 -9.13
C ARG B 121 -30.15 3.43 -10.24
N ASP B 122 -31.50 3.44 -10.27
CA ASP B 122 -32.26 4.18 -11.28
C ASP B 122 -32.56 5.64 -10.88
N GLN B 123 -32.18 6.04 -9.63
CA GLN B 123 -32.42 7.41 -9.17
C GLN B 123 -31.21 8.29 -9.52
N THR B 124 -31.03 8.55 -10.84
CA THR B 124 -29.94 9.31 -11.46
C THR B 124 -29.60 10.62 -10.74
N ASP B 125 -30.63 11.44 -10.44
CA ASP B 125 -30.47 12.73 -9.78
C ASP B 125 -29.96 12.62 -8.36
N LEU B 126 -30.38 11.57 -7.62
CA LEU B 126 -29.89 11.33 -6.25
C LEU B 126 -28.44 10.86 -6.31
N LEU B 127 -28.09 10.03 -7.32
CA LEU B 127 -26.70 9.60 -7.50
C LEU B 127 -25.85 10.85 -7.82
N GLN B 128 -26.42 11.82 -8.57
CA GLN B 128 -25.73 13.08 -8.91
C GLN B 128 -25.47 13.95 -7.65
N GLY B 129 -26.47 14.11 -6.79
CA GLY B 129 -26.37 14.84 -5.53
C GLY B 129 -25.29 14.26 -4.62
N TYR B 130 -25.28 12.92 -4.51
CA TYR B 130 -24.30 12.18 -3.73
C TYR B 130 -22.90 12.41 -4.32
N ASN B 131 -22.78 12.27 -5.65
CA ASN B 131 -21.47 12.49 -6.28
C ASN B 131 -20.97 13.92 -6.26
N THR B 132 -21.87 14.92 -6.21
CA THR B 132 -21.45 16.32 -6.06
C THR B 132 -20.79 16.49 -4.67
N GLU B 133 -21.39 15.89 -3.65
CA GLU B 133 -20.89 15.91 -2.29
C GLU B 133 -19.54 15.20 -2.18
N SER B 134 -19.32 14.13 -2.96
CA SER B 134 -18.05 13.40 -3.00
C SER B 134 -16.92 14.35 -3.46
N LEU B 135 -17.22 15.24 -4.43
CA LEU B 135 -16.25 16.21 -4.95
C LEU B 135 -15.99 17.35 -4.00
N ARG B 136 -16.86 17.47 -2.98
CA ARG B 136 -16.70 18.44 -1.90
C ARG B 136 -16.10 17.72 -0.68
N PHE B 137 -15.42 16.59 -0.96
CA PHE B 137 -14.70 15.79 0.05
C PHE B 137 -15.62 15.27 1.15
N TYR B 138 -16.91 15.07 0.85
CA TYR B 138 -17.92 14.62 1.84
C TYR B 138 -17.98 15.55 3.06
N GLY B 139 -17.68 16.84 2.85
CA GLY B 139 -17.68 17.83 3.90
C GLY B 139 -16.40 17.84 4.74
N ALA B 140 -15.39 17.02 4.37
CA ALA B 140 -14.15 16.98 5.16
C ALA B 140 -13.46 18.32 5.12
N PRO B 141 -12.85 18.75 6.25
CA PRO B 141 -12.10 20.03 6.25
C PRO B 141 -10.74 19.95 5.53
N HIS B 142 -10.25 18.72 5.27
CA HIS B 142 -8.94 18.53 4.67
C HIS B 142 -8.95 17.46 3.57
N VAL B 143 -8.02 17.60 2.64
CA VAL B 143 -7.82 16.55 1.62
C VAL B 143 -6.32 16.39 1.38
N ALA B 144 -5.84 15.14 1.22
CA ALA B 144 -4.44 14.88 0.89
C ALA B 144 -4.46 14.30 -0.53
N MSE B 145 -3.83 15.01 -1.47
CA MSE B 145 -3.76 14.59 -2.87
C MSE B 145 -2.43 13.87 -3.04
O MSE B 145 -1.37 14.42 -2.73
CB MSE B 145 -3.84 15.83 -3.79
CG MSE B 145 -5.18 16.52 -3.69
SE MSE B 145 -6.60 15.41 -4.45
CE MSE B 145 -8.07 16.78 -4.47
N LEU B 146 -2.50 12.61 -3.44
CA LEU B 146 -1.33 11.77 -3.54
C LEU B 146 -0.82 11.75 -4.96
N PHE B 147 0.21 12.57 -5.21
CA PHE B 147 0.87 12.69 -6.51
C PHE B 147 2.03 11.69 -6.61
N ALA B 148 2.31 11.26 -7.83
CA ALA B 148 3.33 10.26 -8.08
C ALA B 148 4.17 10.66 -9.30
N PRO B 149 5.31 10.01 -9.57
CA PRO B 149 6.11 10.40 -10.74
C PRO B 149 5.37 10.26 -12.08
N ASN B 150 5.80 11.02 -13.10
CA ASN B 150 5.17 10.94 -14.43
C ASN B 150 5.26 9.56 -15.04
N ASN B 151 6.27 8.79 -14.66
CA ASN B 151 6.43 7.46 -15.27
C ASN B 151 5.94 6.32 -14.35
N THR B 152 5.07 6.63 -13.37
CA THR B 152 4.51 5.64 -12.46
C THR B 152 3.92 4.49 -13.24
N GLU B 153 4.32 3.29 -12.85
CA GLU B 153 3.81 2.02 -13.36
C GLU B 153 3.42 1.16 -12.15
N ALA B 154 3.27 -0.15 -12.32
CA ALA B 154 2.82 -0.99 -11.21
C ALA B 154 3.68 -0.97 -9.97
N ARG B 155 5.03 -1.01 -10.11
CA ARG B 155 5.88 -1.07 -8.92
C ARG B 155 5.82 0.24 -8.12
N ILE B 156 5.89 1.38 -8.83
CA ILE B 156 5.79 2.66 -8.13
C ILE B 156 4.39 2.82 -7.51
N ALA B 157 3.32 2.45 -8.26
CA ALA B 157 1.96 2.56 -7.72
C ALA B 157 1.81 1.70 -6.45
N GLY B 158 2.47 0.53 -6.41
CA GLY B 158 2.45 -0.32 -5.21
C GLY B 158 2.96 0.48 -4.01
N ASP B 159 4.07 1.19 -4.19
CA ASP B 159 4.64 2.01 -3.11
C ASP B 159 3.70 3.13 -2.70
N MSE B 160 2.98 3.72 -3.67
CA MSE B 160 1.98 4.76 -3.38
C MSE B 160 0.88 4.16 -2.46
O MSE B 160 0.44 4.83 -1.53
CB MSE B 160 1.34 5.32 -4.66
CG MSE B 160 2.32 6.03 -5.58
SE MSE B 160 3.18 7.58 -4.71
CE MSE B 160 1.52 8.67 -4.30
N GLY B 161 0.51 2.90 -2.70
CA GLY B 161 -0.48 2.20 -1.86
C GLY B 161 0.06 1.91 -0.46
N ILE B 162 1.32 1.46 -0.35
CA ILE B 162 1.98 1.26 0.96
C ILE B 162 1.88 2.60 1.74
N TYR B 163 2.28 3.70 1.10
CA TYR B 163 2.18 5.00 1.76
C TYR B 163 0.72 5.33 2.16
N ALA B 164 -0.25 5.16 1.23
CA ALA B 164 -1.65 5.52 1.51
C ALA B 164 -2.17 4.79 2.74
N GLN B 165 -1.88 3.49 2.86
CA GLN B 165 -2.34 2.72 4.01
C GLN B 165 -1.60 3.15 5.30
N THR B 166 -0.30 3.46 5.20
CA THR B 166 0.45 3.93 6.39
C THR B 166 -0.20 5.23 6.89
N LEU B 167 -0.49 6.13 5.97
CA LEU B 167 -1.15 7.40 6.29
C LEU B 167 -2.53 7.20 6.91
N MSE B 168 -3.38 6.36 6.31
CA MSE B 168 -4.74 6.13 6.83
C MSE B 168 -4.71 5.51 8.22
O MSE B 168 -5.52 5.89 9.07
CB MSE B 168 -5.54 5.28 5.81
CG MSE B 168 -5.88 6.11 4.57
SE MSE B 168 -7.14 5.19 3.45
CE MSE B 168 -5.88 3.92 2.58
N LEU B 169 -3.76 4.60 8.47
CA LEU B 169 -3.65 3.97 9.80
C LEU B 169 -3.11 5.00 10.81
N ALA B 170 -2.14 5.85 10.41
CA ALA B 170 -1.64 6.89 11.34
C ALA B 170 -2.80 7.87 11.68
N MSE B 171 -3.65 8.18 10.68
CA MSE B 171 -4.83 9.03 10.89
C MSE B 171 -5.79 8.37 11.89
O MSE B 171 -6.17 8.99 12.89
CB MSE B 171 -5.57 9.30 9.58
CG MSE B 171 -4.83 10.30 8.68
SE MSE B 171 -5.76 10.33 6.98
CE MSE B 171 -4.71 11.84 6.19
N THR B 172 -6.07 7.08 11.68
CA THR B 172 -6.99 6.33 12.53
C THR B 172 -6.52 6.34 14.01
N ALA B 173 -5.20 6.25 14.21
CA ALA B 173 -4.57 6.27 15.54
C ALA B 173 -4.86 7.56 16.31
N HIS B 174 -5.07 8.66 15.57
CA HIS B 174 -5.38 9.98 16.13
C HIS B 174 -6.89 10.33 16.07
N GLY B 175 -7.73 9.32 15.82
CA GLY B 175 -9.19 9.52 15.76
C GLY B 175 -9.62 10.27 14.52
N ILE B 176 -8.74 10.30 13.50
CA ILE B 176 -9.00 10.99 12.24
C ILE B 176 -9.56 10.00 11.23
N ALA B 177 -10.78 10.28 10.78
CA ALA B 177 -11.45 9.49 9.76
C ALA B 177 -10.90 9.85 8.41
N SER B 178 -11.00 8.92 7.45
CA SER B 178 -10.53 9.22 6.08
C SER B 178 -11.38 8.47 5.06
N CYS B 179 -11.33 8.94 3.81
CA CYS B 179 -11.90 8.25 2.67
C CYS B 179 -10.90 8.30 1.52
N PRO B 180 -10.30 7.15 1.13
CA PRO B 180 -9.46 7.17 -0.08
C PRO B 180 -10.43 7.34 -1.23
N GLN B 181 -10.06 8.18 -2.21
CA GLN B 181 -10.95 8.45 -3.34
C GLN B 181 -10.19 8.46 -4.66
N ALA B 182 -10.46 7.45 -5.50
CA ALA B 182 -9.93 7.45 -6.88
C ALA B 182 -10.65 8.58 -7.66
N LEU B 183 -11.92 8.88 -7.30
CA LEU B 183 -12.71 9.91 -7.98
C LEU B 183 -11.96 11.23 -8.13
N LEU B 184 -11.27 11.67 -7.07
CA LEU B 184 -10.57 12.96 -7.14
C LEU B 184 -9.48 12.99 -8.21
N SER B 185 -8.89 11.81 -8.50
CA SER B 185 -7.84 11.70 -9.51
C SER B 185 -8.40 11.83 -10.94
N PHE B 186 -9.74 11.79 -11.11
CA PHE B 186 -10.32 11.92 -12.45
C PHE B 186 -10.28 13.36 -12.96
N TYR B 187 -9.95 14.33 -12.09
CA TYR B 187 -9.87 15.75 -12.43
C TYR B 187 -8.49 16.27 -12.09
N ALA B 188 -7.45 15.46 -12.38
CA ALA B 188 -6.06 15.76 -12.05
C ALA B 188 -5.58 17.14 -12.54
N ASP B 189 -5.93 17.56 -13.77
CA ASP B 189 -5.52 18.89 -14.27
C ASP B 189 -6.09 20.01 -13.41
N THR B 190 -7.35 19.84 -12.92
CA THR B 190 -7.99 20.81 -12.02
C THR B 190 -7.22 20.92 -10.70
N VAL B 191 -6.86 19.77 -10.11
CA VAL B 191 -6.11 19.74 -8.84
C VAL B 191 -4.73 20.38 -9.08
N ARG B 192 -4.02 19.99 -10.16
CA ARG B 192 -2.72 20.57 -10.45
C ARG B 192 -2.80 22.10 -10.62
N ALA B 193 -3.78 22.60 -11.39
CA ALA B 193 -3.96 24.03 -11.63
C ALA B 193 -4.22 24.80 -10.32
N GLU B 194 -5.10 24.26 -9.48
CA GLU B 194 -5.45 24.88 -8.21
C GLU B 194 -4.26 24.96 -7.27
N LEU B 195 -3.46 23.90 -7.24
CA LEU B 195 -2.36 23.79 -6.29
C LEU B 195 -0.98 24.18 -6.80
N GLY B 196 -0.88 24.51 -8.09
CA GLY B 196 0.37 24.90 -8.73
C GLY B 196 1.36 23.75 -8.88
N VAL B 197 0.86 22.51 -8.97
CA VAL B 197 1.70 21.32 -9.10
C VAL B 197 2.03 21.11 -10.57
N GLU B 198 3.29 20.80 -10.90
CA GLU B 198 3.69 20.53 -12.28
C GLU B 198 4.39 19.20 -12.38
N ASN B 199 4.20 18.51 -13.51
CA ASN B 199 4.92 17.29 -13.87
C ASN B 199 4.83 16.16 -12.86
N ARG B 200 3.61 15.95 -12.31
CA ARG B 200 3.36 14.82 -11.41
C ARG B 200 1.99 14.28 -11.76
N LYS B 201 1.80 12.97 -11.59
CA LYS B 201 0.51 12.32 -11.87
C LYS B 201 -0.26 12.13 -10.58
N LEU B 202 -1.59 12.31 -10.62
CA LEU B 202 -2.42 12.18 -9.43
C LEU B 202 -3.04 10.79 -9.37
N LEU B 203 -2.70 10.03 -8.30
CA LEU B 203 -3.23 8.66 -8.22
C LEU B 203 -4.57 8.61 -7.49
N MSE B 204 -4.68 9.38 -6.40
CA MSE B 204 -5.88 9.41 -5.58
CA MSE B 204 -5.89 9.42 -5.58
C MSE B 204 -5.84 10.62 -4.65
O MSE B 204 -4.78 11.25 -4.51
CB MSE B 204 -5.94 8.13 -4.71
CB MSE B 204 -6.02 8.13 -4.72
CG MSE B 204 -4.65 7.90 -3.88
CG MSE B 204 -5.15 8.15 -3.43
SE MSE B 204 -4.54 6.14 -3.07
SE MSE B 204 -5.29 6.52 -2.39
CE MSE B 204 -5.76 6.38 -1.64
CE MSE B 204 -4.15 5.38 -3.52
N GLY B 205 -6.96 10.86 -4.01
CA GLY B 205 -7.07 11.88 -2.98
C GLY B 205 -7.55 11.14 -1.74
N ILE B 206 -7.30 11.69 -0.58
CA ILE B 206 -7.78 11.09 0.67
C ILE B 206 -8.44 12.23 1.43
N SER B 207 -9.78 12.22 1.55
CA SER B 207 -10.52 13.25 2.31
C SER B 207 -10.37 12.86 3.77
N PHE B 208 -10.16 13.83 4.66
CA PHE B 208 -10.00 13.46 6.07
C PHE B 208 -10.43 14.54 7.05
N GLY B 209 -10.65 14.11 8.29
CA GLY B 209 -11.11 14.95 9.38
C GLY B 209 -11.81 14.07 10.40
N TYR B 210 -12.91 14.55 10.97
CA TYR B 210 -13.66 13.80 11.98
C TYR B 210 -14.97 13.34 11.44
N ALA B 211 -15.24 12.04 11.61
CA ALA B 211 -16.45 11.44 11.06
C ALA B 211 -17.73 12.03 11.67
N ASP B 212 -18.80 12.11 10.85
CA ASP B 212 -20.11 12.45 11.39
C ASP B 212 -20.74 11.06 11.60
N ASP B 213 -20.68 10.58 12.85
CA ASP B 213 -21.18 9.25 13.19
C ASP B 213 -22.72 9.12 13.15
N THR B 214 -23.45 10.21 12.84
CA THR B 214 -24.92 10.15 12.73
C THR B 214 -25.33 9.80 11.29
N ALA B 215 -24.42 9.93 10.32
CA ALA B 215 -24.74 9.69 8.90
C ALA B 215 -24.85 8.22 8.61
N ALA B 216 -25.99 7.81 8.01
CA ALA B 216 -26.25 6.41 7.70
C ALA B 216 -25.19 5.80 6.80
N VAL B 217 -24.61 6.60 5.90
CA VAL B 217 -23.53 6.11 5.01
C VAL B 217 -22.33 5.59 5.82
N ASN B 218 -22.12 6.16 7.03
CA ASN B 218 -21.02 5.75 7.90
C ASN B 218 -21.38 4.48 8.71
N GLY B 219 -22.59 3.98 8.55
CA GLY B 219 -23.04 2.75 9.20
C GLY B 219 -22.87 1.55 8.29
N VAL B 220 -22.47 1.78 7.00
CA VAL B 220 -22.25 0.71 6.02
C VAL B 220 -21.19 -0.29 6.55
N ARG B 221 -21.45 -1.59 6.42
CA ARG B 221 -20.41 -2.52 6.86
C ARG B 221 -20.01 -3.36 5.66
N ILE B 222 -18.79 -3.13 5.21
CA ILE B 222 -18.26 -3.73 4.00
C ILE B 222 -17.48 -4.97 4.41
N PRO B 223 -17.94 -6.16 3.96
CA PRO B 223 -17.25 -7.38 4.39
C PRO B 223 -15.92 -7.57 3.66
N ARG B 224 -15.18 -8.56 4.11
CA ARG B 224 -13.95 -9.01 3.47
C ARG B 224 -14.12 -10.47 3.08
N ALA B 225 -13.37 -10.89 2.07
CA ALA B 225 -13.46 -12.22 1.48
C ALA B 225 -13.07 -13.35 2.42
N GLY B 226 -12.11 -13.11 3.32
CA GLY B 226 -11.68 -14.17 4.23
C GLY B 226 -10.60 -15.04 3.64
N LEU B 227 -9.84 -15.73 4.54
CA LEU B 227 -8.68 -16.54 4.17
C LEU B 227 -8.85 -17.50 3.02
N SER B 228 -9.94 -18.32 2.98
CA SER B 228 -10.10 -19.31 1.91
CA SER B 228 -10.13 -19.31 1.91
C SER B 228 -10.16 -18.68 0.53
N GLU B 229 -10.60 -17.42 0.45
CA GLU B 229 -10.69 -16.76 -0.84
C GLU B 229 -9.41 -16.10 -1.28
N THR B 230 -8.57 -15.68 -0.33
CA THR B 230 -7.37 -14.90 -0.69
C THR B 230 -6.03 -15.55 -0.42
N THR B 231 -6.00 -16.48 0.56
CA THR B 231 -4.71 -16.95 1.06
C THR B 231 -4.57 -18.45 1.08
N ARG B 232 -3.39 -18.92 0.69
CA ARG B 232 -3.06 -20.33 0.77
C ARG B 232 -1.78 -20.53 1.54
N PHE B 233 -1.79 -21.53 2.36
CA PHE B 233 -0.63 -21.90 3.13
C PHE B 233 -0.19 -23.27 2.64
N SER B 234 1.13 -23.39 2.31
CA SER B 234 1.68 -24.67 1.87
CA SER B 234 1.70 -24.65 1.85
C SER B 234 2.98 -24.95 2.60
N ARG B 235 3.28 -26.22 2.78
CA ARG B 235 4.51 -26.70 3.40
C ARG B 235 4.91 -28.05 2.80
N1 FMN C . 14.88 -5.01 -0.07
C2 FMN C . 15.69 -6.01 -0.48
O2 FMN C . 16.74 -6.33 0.27
N3 FMN C . 15.45 -6.68 -1.64
C4 FMN C . 14.39 -6.38 -2.39
O4 FMN C . 14.18 -7.03 -3.54
C4A FMN C . 13.55 -5.33 -2.00
N5 FMN C . 12.44 -4.98 -2.79
C5A FMN C . 11.42 -4.19 -2.20
C6 FMN C . 10.18 -4.05 -2.82
C7 FMN C . 9.18 -3.28 -2.22
C7M FMN C . 7.80 -3.16 -2.90
C8 FMN C . 9.43 -2.62 -1.00
C8M FMN C . 8.34 -1.79 -0.29
C9 FMN C . 10.69 -2.74 -0.39
C9A FMN C . 11.67 -3.54 -0.97
N10 FMN C . 12.94 -3.68 -0.34
C10 FMN C . 13.82 -4.65 -0.80
C1' FMN C . 13.13 -3.16 1.06
C2' FMN C . 13.74 -1.75 1.10
O2' FMN C . 14.66 -1.40 0.34
C3' FMN C . 13.32 -0.87 2.29
O3' FMN C . 11.91 -0.99 2.60
C4' FMN C . 13.76 0.60 2.16
O4' FMN C . 15.20 0.62 2.05
C5' FMN C . 13.34 1.34 3.44
O5' FMN C . 14.00 0.69 4.58
P FMN C . 13.18 0.12 5.81
O1P FMN C . 11.99 -0.78 5.25
O2P FMN C . 14.20 -0.84 6.57
O3P FMN C . 12.66 1.22 6.68
P PO4 D . -15.18 2.88 -5.24
O1 PO4 D . -14.32 2.22 -4.24
O2 PO4 D . -16.03 1.90 -6.12
O3 PO4 D . -16.21 3.86 -4.52
O4 PO4 D . -14.25 3.78 -6.13
C1 GOL E . 9.60 -7.05 14.43
O1 GOL E . 10.08 -6.82 15.77
C2 GOL E . 9.83 -5.78 13.61
O2 GOL E . 9.04 -5.80 12.39
C3 GOL E . 11.32 -5.66 13.28
O3 GOL E . 11.54 -4.60 12.35
C1 GOL F . -6.81 33.13 1.29
O1 GOL F . -7.88 33.14 0.34
C2 GOL F . -5.81 32.02 1.02
O2 GOL F . -6.45 30.77 0.70
C3 GOL F . -4.96 31.87 2.30
O3 GOL F . -3.62 31.55 1.95
N1 FMN G . -14.63 5.18 -2.04
C2 FMN G . -15.38 6.17 -2.59
O2 FMN G . -16.57 6.46 -2.04
N3 FMN G . -14.97 6.85 -3.68
C4 FMN G . -13.83 6.51 -4.30
O4 FMN G . -13.44 7.19 -5.39
C4A FMN G . -13.02 5.50 -3.75
N5 FMN G . -11.80 5.14 -4.35
C5A FMN G . -10.91 4.33 -3.64
C6 FMN G . -9.59 4.22 -4.08
C7 FMN G . -8.71 3.39 -3.37
C7M FMN G . -7.25 3.27 -3.85
C8 FMN G . -9.14 2.75 -2.18
C8M FMN G . -8.17 1.86 -1.38
C9 FMN G . -10.47 2.84 -1.76
C9A FMN G . -11.35 3.66 -2.46
N10 FMN G . -12.68 3.83 -2.02
C10 FMN G . -13.46 4.84 -2.60
C1' FMN G . -13.09 3.33 -0.70
C2' FMN G . -13.74 1.92 -0.77
O2' FMN G . -14.67 1.63 -1.57
C3' FMN G . -13.41 0.99 0.42
O3' FMN G . -12.06 1.08 0.92
C4' FMN G . -13.90 -0.46 0.30
O4' FMN G . -15.31 -0.41 0.04
C5' FMN G . -13.66 -1.17 1.65
O5' FMN G . -14.46 -0.54 2.68
P FMN G . -13.75 0.03 4.02
O1P FMN G . -12.53 0.91 3.58
O2P FMN G . -14.84 0.91 4.69
O3P FMN G . -13.35 -1.09 4.89
P PO4 H . 15.76 -2.71 -3.13
O1 PO4 H . 16.75 -3.69 -2.31
O2 PO4 H . 15.01 -3.58 -4.21
O3 PO4 H . 14.79 -2.11 -2.35
O4 PO4 H . 16.81 -1.80 -3.95
P PO4 I . -6.54 11.37 20.02
O1 PO4 I . -6.23 11.63 21.55
O2 PO4 I . -7.42 10.09 19.78
O3 PO4 I . -7.35 12.60 19.44
O4 PO4 I . -5.11 11.21 19.35
C1 GOL J . 3.73 -1.91 -14.94
O1 GOL J . 4.41 -3.05 -15.47
C2 GOL J . 2.36 -1.76 -15.56
O2 GOL J . 1.71 -0.59 -15.05
C3 GOL J . 1.49 -3.00 -15.33
O3 GOL J . 0.32 -2.82 -16.13
#